data_3BTX
#
_entry.id   3BTX
#
_cell.length_a   78.140
_cell.length_b   78.140
_cell.length_c   229.590
_cell.angle_alpha   90.00
_cell.angle_beta   90.00
_cell.angle_gamma   120.00
#
_symmetry.space_group_name_H-M   'P 65 2 2'
#
loop_
_entity.id
_entity.type
_entity.pdbx_description
1 polymer 'Alpha-ketoglutarate-dependent dioxygenase alkB homolog 2'
2 polymer "DNA (5'-D(*CP*TP*GP*TP*AP*TP*(2YR)P*AP*TP*TP*GP*CP*G)-3')"
3 polymer "DNA (5'-D(*DTP*DCP*DGP*DCP*DAP*DAP*DTP*DAP*DAP*DTP*DAP*DCP*DA)-3')"
4 non-polymer 'MAGNESIUM ION'
5 water water
#
loop_
_entity_poly.entity_id
_entity_poly.type
_entity_poly.pdbx_seq_one_letter_code
_entity_poly.pdbx_strand_id
1 'polypeptide(L)'
;ASWRHIRAEGLDSSYTVLFGKAEADEIFQELEKEVEYFTGALARVQVFGKWHSVPRKQATYGDAGLTYTFSGLTLSPKPW
IPVLERIRDHVSGVTGQTFNFVLINRYKDGSDHIGEHRDDCRELAPGSPIASVSFGASRDFVFRHKDSRGKSPSRRVAVV
RLPLAHGSLLMMNHPTNTHWYHSLPVRKKVLAPRVNLTFRKILL
;
A
2 'polydeoxyribonucleotide' (DC)(DT)(DG)(DT)(DA)(DT)(2YR)(DA)(DT)(DT)(DG)(DC)(DG) B
3 'polydeoxyribonucleotide' (DT)(DC)(DG)(DC)(DA)(DA)(DT)(DA)(DA)(DT)(DA)(DC)(DA) C
#
# COMPACT_ATOMS: atom_id res chain seq x y z
N ALA A 1 21.48 -7.89 0.63
CA ALA A 1 20.11 -8.31 0.19
C ALA A 1 19.99 -8.26 -1.33
N SER A 2 19.19 -9.17 -1.90
CA SER A 2 18.98 -9.20 -3.34
C SER A 2 17.61 -8.62 -3.71
N TRP A 3 17.65 -7.54 -4.50
CA TRP A 3 16.46 -6.82 -4.91
C TRP A 3 16.17 -7.05 -6.38
N ARG A 4 14.88 -7.19 -6.71
CA ARG A 4 14.42 -7.08 -8.07
C ARG A 4 14.07 -5.61 -8.30
N HIS A 5 14.81 -4.95 -9.18
CA HIS A 5 14.58 -3.53 -9.44
C HIS A 5 13.52 -3.32 -10.51
N ILE A 6 12.52 -2.52 -10.18
CA ILE A 6 11.42 -2.20 -11.08
C ILE A 6 11.64 -0.79 -11.62
N ARG A 7 12.15 -0.70 -12.83
CA ARG A 7 12.46 0.59 -13.42
C ARG A 7 11.77 0.81 -14.76
N ALA A 8 11.28 2.03 -14.94
CA ALA A 8 10.72 2.51 -16.19
C ALA A 8 10.79 4.03 -16.12
N GLU A 9 10.18 4.70 -17.10
CA GLU A 9 10.20 6.15 -17.14
C GLU A 9 9.47 6.75 -15.95
N GLY A 10 10.24 7.34 -15.03
CA GLY A 10 9.69 7.93 -13.81
C GLY A 10 9.27 6.90 -12.77
N LEU A 11 9.54 5.62 -13.04
CA LEU A 11 9.26 4.51 -12.11
C LEU A 11 10.56 4.02 -11.50
N ASP A 12 10.63 4.05 -10.17
CA ASP A 12 11.78 3.54 -9.43
C ASP A 12 11.29 2.80 -8.19
N SER A 13 11.23 1.47 -8.29
CA SER A 13 10.78 0.63 -7.17
C SER A 13 11.69 -0.59 -7.04
N SER A 14 11.69 -1.22 -5.88
CA SER A 14 12.43 -2.47 -5.69
C SER A 14 11.67 -3.50 -4.85
N TYR A 15 11.83 -4.77 -5.21
CA TYR A 15 11.08 -5.87 -4.59
C TYR A 15 12.01 -6.91 -3.98
N THR A 16 11.68 -7.34 -2.77
CA THR A 16 12.45 -8.39 -2.07
C THR A 16 11.53 -9.19 -1.14
N VAL A 17 11.95 -10.40 -0.80
CA VAL A 17 11.22 -11.20 0.17
C VAL A 17 11.96 -11.13 1.51
N LEU A 18 11.29 -10.61 2.53
CA LEU A 18 11.90 -10.41 3.85
C LEU A 18 11.82 -11.66 4.72
N PHE A 19 10.70 -12.37 4.63
CA PHE A 19 10.41 -13.46 5.55
C PHE A 19 10.10 -14.74 4.81
N GLY A 20 10.58 -15.87 5.34
CA GLY A 20 10.20 -17.18 4.85
C GLY A 20 8.78 -17.51 5.27
N LYS A 21 8.26 -18.65 4.82
CA LYS A 21 6.84 -18.97 5.02
C LYS A 21 6.41 -19.02 6.49
N ALA A 22 7.18 -19.75 7.31
CA ALA A 22 6.87 -19.92 8.74
C ALA A 22 6.77 -18.59 9.49
N GLU A 23 7.74 -17.71 9.30
CA GLU A 23 7.75 -16.41 10.00
C GLU A 23 6.64 -15.50 9.49
N ALA A 24 6.41 -15.51 8.17
CA ALA A 24 5.37 -14.69 7.57
C ALA A 24 3.97 -15.15 8.03
N ASP A 25 3.82 -16.46 8.21
CA ASP A 25 2.57 -17.03 8.76
C ASP A 25 2.30 -16.53 10.17
N GLU A 26 3.32 -16.56 11.02
CA GLU A 26 3.21 -16.07 12.40
C GLU A 26 2.83 -14.60 12.45
N ILE A 27 3.50 -13.78 11.63
CA ILE A 27 3.22 -12.35 11.53
C ILE A 27 1.79 -12.08 11.05
N PHE A 28 1.38 -12.78 10.00
CA PHE A 28 0.01 -12.68 9.48
C PHE A 28 -1.02 -13.02 10.55
N GLN A 29 -0.82 -14.12 11.26
CA GLN A 29 -1.71 -14.53 12.35
CA GLN A 29 -1.76 -14.50 12.32
C GLN A 29 -1.81 -13.45 13.43
N GLU A 30 -0.66 -12.89 13.81
CA GLU A 30 -0.65 -11.83 14.82
C GLU A 30 -1.36 -10.56 14.33
N LEU A 31 -1.13 -10.20 13.07
CA LEU A 31 -1.85 -9.08 12.44
C LEU A 31 -3.37 -9.29 12.45
N GLU A 32 -3.82 -10.51 12.12
CA GLU A 32 -5.23 -10.83 12.12
C GLU A 32 -5.84 -10.74 13.52
N LYS A 33 -5.07 -11.13 14.52
CA LYS A 33 -5.47 -11.07 15.92
C LYS A 33 -5.50 -9.63 16.46
N GLU A 34 -4.52 -8.82 16.07
CA GLU A 34 -4.27 -7.53 16.75
C GLU A 34 -4.76 -6.26 16.07
N VAL A 35 -4.73 -6.23 14.73
CA VAL A 35 -5.09 -5.02 13.99
C VAL A 35 -6.59 -4.71 14.12
N GLU A 36 -6.88 -3.46 14.46
CA GLU A 36 -8.25 -2.94 14.53
C GLU A 36 -8.54 -2.05 13.31
N TYR A 37 -9.54 -2.46 12.52
CA TYR A 37 -9.90 -1.74 11.30
C TYR A 37 -11.03 -0.76 11.53
N PHE A 38 -11.01 0.33 10.76
CA PHE A 38 -12.09 1.30 10.76
C PHE A 38 -13.39 0.72 10.23
N THR A 39 -14.51 1.24 10.74
CA THR A 39 -15.84 0.81 10.33
C THR A 39 -16.74 2.03 10.11
N GLY A 40 -17.91 1.80 9.53
CA GLY A 40 -18.97 2.81 9.47
C GLY A 40 -18.57 4.07 8.71
N ALA A 41 -18.70 5.21 9.37
CA ALA A 41 -18.38 6.52 8.81
C ALA A 41 -16.91 6.65 8.41
N LEU A 42 -16.05 5.90 9.08
CA LEU A 42 -14.60 5.93 8.83
C LEU A 42 -14.16 4.90 7.77
N ALA A 43 -15.14 4.38 7.02
CA ALA A 43 -14.89 3.40 5.95
C ALA A 43 -15.61 3.83 4.67
N ARG A 44 -15.97 5.11 4.60
CA ARG A 44 -16.65 5.64 3.43
C ARG A 44 -15.86 6.77 2.79
N VAL A 45 -15.75 6.73 1.47
CA VAL A 45 -15.04 7.75 0.70
C VAL A 45 -15.92 8.37 -0.37
N GLN A 46 -15.52 9.57 -0.81
CA GLN A 46 -16.23 10.32 -1.84
C GLN A 46 -15.31 10.43 -3.06
N VAL A 47 -15.78 9.90 -4.19
CA VAL A 47 -15.03 9.94 -5.46
C VAL A 47 -16.01 10.26 -6.57
N PHE A 48 -15.65 11.18 -7.45
CA PHE A 48 -16.52 11.57 -8.57
C PHE A 48 -17.93 11.97 -8.11
N GLY A 49 -18.03 12.59 -6.94
CA GLY A 49 -19.30 13.11 -6.44
C GLY A 49 -20.23 12.13 -5.74
N LYS A 50 -19.77 10.89 -5.57
N LYS A 50 -19.78 10.89 -5.58
CA LYS A 50 -20.57 9.84 -4.91
CA LYS A 50 -20.56 9.85 -4.91
C LYS A 50 -19.80 9.16 -3.77
C LYS A 50 -19.80 9.19 -3.76
N TRP A 51 -20.53 8.89 -2.69
CA TRP A 51 -19.98 8.21 -1.52
C TRP A 51 -20.09 6.70 -1.65
N HIS A 52 -19.03 6.00 -1.22
CA HIS A 52 -18.96 4.54 -1.28
C HIS A 52 -18.31 4.02 -0.03
N SER A 53 -18.74 2.85 0.42
CA SER A 53 -17.99 2.09 1.41
C SER A 53 -16.78 1.47 0.69
N VAL A 54 -15.60 1.57 1.30
CA VAL A 54 -14.38 1.02 0.66
C VAL A 54 -14.48 -0.50 0.49
N PRO A 55 -14.06 -1.03 -0.69
CA PRO A 55 -14.14 -2.46 -0.97
C PRO A 55 -12.97 -3.23 -0.39
N ARG A 56 -12.79 -3.11 0.93
CA ARG A 56 -11.68 -3.69 1.69
C ARG A 56 -11.84 -3.20 3.13
N LYS A 57 -10.85 -3.46 3.99
CA LYS A 57 -10.80 -2.86 5.33
C LYS A 57 -9.52 -2.06 5.46
N GLN A 58 -9.59 -0.95 6.19
CA GLN A 58 -8.45 -0.05 6.37
C GLN A 58 -8.22 0.27 7.85
N ALA A 59 -6.94 0.43 8.19
CA ALA A 59 -6.50 0.84 9.53
C ALA A 59 -5.31 1.78 9.39
N THR A 60 -5.19 2.74 10.32
CA THR A 60 -4.00 3.59 10.38
C THR A 60 -3.40 3.58 11.78
N TYR A 61 -2.08 3.41 11.82
CA TYR A 61 -1.29 3.46 13.05
C TYR A 61 -0.11 4.39 12.83
N GLY A 62 0.41 4.95 13.90
CA GLY A 62 1.56 5.83 13.82
C GLY A 62 1.70 6.76 15.00
N ASP A 63 2.67 7.67 14.91
CA ASP A 63 2.96 8.64 15.96
C ASP A 63 1.77 9.58 16.21
N ALA A 64 1.70 10.12 17.42
CA ALA A 64 0.60 10.98 17.83
C ALA A 64 0.53 12.29 17.05
N GLY A 65 -0.69 12.74 16.79
CA GLY A 65 -0.92 14.07 16.21
C GLY A 65 -1.07 14.08 14.70
N LEU A 66 -0.52 13.08 14.04
CA LEU A 66 -0.56 12.99 12.59
C LEU A 66 -1.98 12.69 12.12
N THR A 67 -2.30 13.11 10.90
CA THR A 67 -3.56 12.71 10.26
C THR A 67 -3.28 12.25 8.83
N TYR A 68 -4.24 11.50 8.29
CA TYR A 68 -4.14 10.95 6.95
C TYR A 68 -5.47 11.19 6.26
N THR A 69 -5.46 11.99 5.20
CA THR A 69 -6.69 12.36 4.49
C THR A 69 -6.61 11.99 3.00
N PHE A 70 -7.65 11.33 2.51
CA PHE A 70 -7.82 11.07 1.09
C PHE A 70 -9.30 10.85 0.78
N SER A 71 -9.72 11.26 -0.42
CA SER A 71 -11.06 11.00 -0.94
C SER A 71 -12.16 11.37 0.07
N GLY A 72 -12.04 12.57 0.67
CA GLY A 72 -13.04 13.09 1.62
C GLY A 72 -13.07 12.42 2.98
N LEU A 73 -12.11 11.51 3.23
CA LEU A 73 -12.02 10.80 4.49
C LEU A 73 -10.73 11.12 5.23
N THR A 74 -10.87 11.50 6.52
CA THR A 74 -9.72 11.72 7.39
C THR A 74 -9.62 10.59 8.44
N LEU A 75 -8.44 9.98 8.50
CA LEU A 75 -8.15 8.89 9.43
C LEU A 75 -7.12 9.33 10.47
N SER A 76 -7.42 9.08 11.73
CA SER A 76 -6.48 9.36 12.83
C SER A 76 -5.74 8.08 13.21
N PRO A 77 -4.41 8.15 13.37
CA PRO A 77 -3.62 6.94 13.64
C PRO A 77 -3.78 6.45 15.08
N LYS A 78 -3.90 5.12 15.22
CA LYS A 78 -3.88 4.47 16.53
C LYS A 78 -2.43 4.32 17.02
N PRO A 79 -2.21 4.32 18.35
CA PRO A 79 -0.86 4.08 18.87
C PRO A 79 -0.24 2.77 18.36
N TRP A 80 1.08 2.79 18.16
CA TRP A 80 1.83 1.61 17.71
C TRP A 80 1.60 0.40 18.62
N ILE A 81 1.47 -0.77 18.00
CA ILE A 81 1.38 -2.05 18.70
C ILE A 81 2.60 -2.90 18.32
N PRO A 82 3.05 -3.81 19.22
CA PRO A 82 4.26 -4.59 19.00
C PRO A 82 4.44 -5.23 17.62
N VAL A 83 3.41 -5.85 17.05
CA VAL A 83 3.58 -6.49 15.74
C VAL A 83 3.96 -5.47 14.66
N LEU A 84 3.38 -4.29 14.72
CA LEU A 84 3.65 -3.22 13.75
C LEU A 84 5.02 -2.59 13.97
N GLU A 85 5.41 -2.42 15.24
CA GLU A 85 6.75 -1.94 15.58
C GLU A 85 7.82 -2.92 15.11
N ARG A 86 7.59 -4.22 15.29
CA ARG A 86 8.45 -5.29 14.78
C ARG A 86 8.76 -5.13 13.27
N ILE A 87 7.71 -5.01 12.47
CA ILE A 87 7.85 -4.89 11.02
C ILE A 87 8.49 -3.57 10.62
N ARG A 88 8.00 -2.47 11.18
CA ARG A 88 8.58 -1.15 10.97
C ARG A 88 10.10 -1.18 11.18
N ASP A 89 10.52 -1.72 12.33
CA ASP A 89 11.92 -1.75 12.70
C ASP A 89 12.76 -2.64 11.79
N HIS A 90 12.19 -3.76 11.36
CA HIS A 90 12.87 -4.65 10.41
C HIS A 90 13.09 -3.95 9.07
N VAL A 91 12.03 -3.35 8.53
CA VAL A 91 12.12 -2.58 7.27
C VAL A 91 13.17 -1.47 7.35
N SER A 92 13.13 -0.71 8.45
CA SER A 92 14.13 0.34 8.71
C SER A 92 15.56 -0.16 8.65
N GLY A 93 15.82 -1.31 9.28
CA GLY A 93 17.16 -1.90 9.32
C GLY A 93 17.63 -2.42 7.97
N VAL A 94 16.67 -2.89 7.17
CA VAL A 94 16.95 -3.44 5.84
C VAL A 94 17.16 -2.33 4.79
N THR A 95 16.44 -1.23 4.93
CA THR A 95 16.45 -0.15 3.93
C THR A 95 17.27 1.08 4.29
N GLY A 96 17.44 1.33 5.59
CA GLY A 96 18.13 2.54 6.06
C GLY A 96 17.19 3.74 6.18
N GLN A 97 15.89 3.51 6.00
CA GLN A 97 14.88 4.56 6.00
C GLN A 97 14.03 4.51 7.27
N THR A 98 13.44 5.64 7.65
CA THR A 98 12.59 5.71 8.84
C THR A 98 11.13 5.99 8.48
N PHE A 99 10.22 5.56 9.35
CA PHE A 99 8.78 5.67 9.12
C PHE A 99 8.07 6.00 10.44
N ASN A 100 7.06 6.87 10.36
CA ASN A 100 6.29 7.28 11.55
C ASN A 100 4.80 7.00 11.42
N PHE A 101 4.44 6.21 10.40
CA PHE A 101 3.04 6.00 10.04
C PHE A 101 2.89 4.75 9.20
N VAL A 102 1.81 3.99 9.44
CA VAL A 102 1.48 2.86 8.57
C VAL A 102 0.00 2.80 8.23
N LEU A 103 -0.28 2.71 6.93
CA LEU A 103 -1.63 2.43 6.44
C LEU A 103 -1.74 0.93 6.16
N ILE A 104 -2.77 0.31 6.75
CA ILE A 104 -3.02 -1.10 6.58
C ILE A 104 -4.30 -1.30 5.74
N ASN A 105 -4.16 -1.99 4.62
CA ASN A 105 -5.30 -2.38 3.80
C ASN A 105 -5.44 -3.90 3.80
N ARG A 106 -6.62 -4.38 4.19
CA ARG A 106 -6.90 -5.81 4.21
C ARG A 106 -7.93 -6.16 3.14
N TYR A 107 -7.55 -7.10 2.28
CA TYR A 107 -8.38 -7.57 1.18
C TYR A 107 -8.84 -8.97 1.55
N LYS A 108 -10.13 -9.12 1.87
CA LYS A 108 -10.65 -10.40 2.42
C LYS A 108 -10.51 -11.55 1.44
N ASP A 109 -10.56 -11.22 0.15
CA ASP A 109 -10.41 -12.16 -0.95
C ASP A 109 -10.16 -11.38 -2.23
N GLY A 110 -10.14 -12.07 -3.36
CA GLY A 110 -9.94 -11.45 -4.66
C GLY A 110 -10.94 -10.38 -5.10
N SER A 111 -12.13 -10.39 -4.50
CA SER A 111 -13.16 -9.39 -4.81
CA SER A 111 -13.15 -9.38 -4.84
C SER A 111 -12.88 -8.03 -4.16
N ASP A 112 -12.18 -8.05 -3.03
CA ASP A 112 -11.73 -6.81 -2.38
C ASP A 112 -10.58 -6.26 -3.22
N HIS A 113 -10.50 -4.93 -3.32
CA HIS A 113 -9.56 -4.30 -4.25
C HIS A 113 -9.32 -2.85 -3.88
N ILE A 114 -8.41 -2.20 -4.61
CA ILE A 114 -8.21 -0.74 -4.49
C ILE A 114 -8.03 -0.13 -5.88
N GLY A 115 -8.72 0.99 -6.11
CA GLY A 115 -8.66 1.69 -7.38
C GLY A 115 -7.37 2.43 -7.62
N GLU A 116 -7.19 2.88 -8.84
CA GLU A 116 -5.99 3.58 -9.29
C GLU A 116 -5.81 4.92 -8.61
N HIS A 117 -4.61 5.15 -8.11
CA HIS A 117 -4.27 6.44 -7.51
C HIS A 117 -2.76 6.58 -7.40
N ARG A 118 -2.34 7.82 -7.14
CA ARG A 118 -0.97 8.12 -6.77
C ARG A 118 -0.96 8.48 -5.28
N ASP A 119 0.14 8.16 -4.61
CA ASP A 119 0.34 8.61 -3.23
C ASP A 119 1.05 9.97 -3.25
N ASP A 120 0.30 10.99 -3.64
CA ASP A 120 0.85 12.34 -3.80
CA ASP A 120 0.83 12.35 -3.82
C ASP A 120 0.37 13.31 -2.72
N CYS A 121 0.14 12.78 -1.52
CA CYS A 121 -0.22 13.55 -0.33
C CYS A 121 0.59 14.81 -0.13
N ARG A 122 -0.05 15.83 0.44
CA ARG A 122 0.66 16.98 0.97
C ARG A 122 1.32 16.61 2.30
N GLU A 123 0.67 15.74 3.07
CA GLU A 123 1.18 15.30 4.37
C GLU A 123 2.36 14.32 4.26
N LEU A 124 2.53 13.69 3.10
CA LEU A 124 3.72 12.88 2.83
C LEU A 124 4.92 13.79 2.64
N ALA A 125 6.02 13.46 3.32
CA ALA A 125 7.28 14.17 3.20
C ALA A 125 7.80 14.09 1.75
N PRO A 126 8.28 15.21 1.20
CA PRO A 126 8.77 15.26 -0.19
C PRO A 126 9.95 14.32 -0.44
N GLY A 127 9.78 13.42 -1.40
CA GLY A 127 10.83 12.48 -1.79
C GLY A 127 11.00 11.27 -0.89
N SER A 128 10.09 11.11 0.05
CA SER A 128 10.17 10.01 1.01
C SER A 128 9.71 8.71 0.37
N PRO A 129 10.46 7.61 0.60
CA PRO A 129 10.04 6.31 0.09
C PRO A 129 8.85 5.76 0.84
N ILE A 130 8.11 4.88 0.17
CA ILE A 130 7.00 4.16 0.79
C ILE A 130 7.36 2.69 0.81
N ALA A 131 7.19 2.07 1.97
CA ALA A 131 7.52 0.65 2.13
C ALA A 131 6.25 -0.19 2.21
N SER A 132 6.02 -0.99 1.17
CA SER A 132 4.83 -1.82 1.09
C SER A 132 5.12 -3.28 1.46
N VAL A 133 4.61 -3.71 2.62
CA VAL A 133 4.84 -5.06 3.12
C VAL A 133 3.54 -5.88 3.05
N SER A 134 3.63 -7.06 2.44
CA SER A 134 2.46 -7.90 2.19
C SER A 134 2.47 -9.22 2.93
N PHE A 135 1.32 -9.61 3.47
CA PHE A 135 1.12 -10.91 4.11
C PHE A 135 -0.19 -11.56 3.65
N GLY A 136 -0.20 -12.88 3.60
CA GLY A 136 -1.37 -13.63 3.18
C GLY A 136 -1.30 -14.00 1.71
N ALA A 137 -2.42 -13.87 1.03
CA ALA A 137 -2.54 -14.29 -0.37
C ALA A 137 -1.73 -13.38 -1.29
N SER A 138 -1.01 -13.98 -2.23
CA SER A 138 -0.35 -13.22 -3.29
C SER A 138 -1.41 -12.46 -4.10
N ARG A 139 -1.14 -11.18 -4.36
CA ARG A 139 -2.01 -10.41 -5.22
C ARG A 139 -1.20 -9.62 -6.24
N ASP A 140 -1.77 -9.45 -7.43
CA ASP A 140 -1.17 -8.68 -8.50
C ASP A 140 -1.30 -7.19 -8.23
N PHE A 141 -0.18 -6.49 -8.35
CA PHE A 141 -0.10 -5.05 -8.10
C PHE A 141 0.30 -4.39 -9.43
N VAL A 142 -0.41 -3.34 -9.79
CA VAL A 142 -0.34 -2.77 -11.15
C VAL A 142 0.05 -1.29 -11.14
N PHE A 143 1.11 -0.96 -11.87
CA PHE A 143 1.53 0.42 -12.12
C PHE A 143 1.10 0.87 -13.52
N ARG A 144 0.41 2.01 -13.61
CA ARG A 144 0.05 2.62 -14.89
CA ARG A 144 0.08 2.62 -14.89
C ARG A 144 0.56 4.07 -14.96
N HIS A 145 1.22 4.41 -16.06
CA HIS A 145 1.77 5.75 -16.24
C HIS A 145 0.65 6.77 -16.43
N LYS A 146 0.80 7.94 -15.80
CA LYS A 146 -0.22 8.99 -15.85
C LYS A 146 -0.57 9.47 -17.26
N ASP A 147 0.42 9.49 -18.16
CA ASP A 147 0.23 10.00 -19.52
C ASP A 147 -0.27 8.92 -20.49
N SER A 148 -0.54 7.73 -19.98
CA SER A 148 -0.94 6.60 -20.82
C SER A 148 -2.39 6.15 -20.57
N ARG A 149 -3.14 6.95 -19.82
CA ARG A 149 -4.53 6.65 -19.50
CA ARG A 149 -4.54 6.64 -19.51
C ARG A 149 -5.50 7.49 -20.34
N GLY A 150 -6.72 6.99 -20.51
CA GLY A 150 -7.75 7.70 -21.27
C GLY A 150 -7.92 7.23 -22.71
N LYS A 151 -8.95 7.75 -23.38
CA LYS A 151 -9.29 7.38 -24.76
C LYS A 151 -8.19 7.78 -25.74
N SER A 152 -7.72 9.03 -25.62
CA SER A 152 -6.62 9.54 -26.42
C SER A 152 -5.43 9.86 -25.52
N PRO A 153 -4.57 8.85 -25.26
CA PRO A 153 -3.44 9.05 -24.36
C PRO A 153 -2.29 9.80 -25.03
N SER A 154 -1.56 10.58 -24.23
CA SER A 154 -0.39 11.31 -24.71
C SER A 154 0.76 10.37 -25.09
N ARG A 155 0.86 9.27 -24.35
CA ARG A 155 1.96 8.31 -24.50
C ARG A 155 1.41 6.88 -24.46
N ARG A 156 2.25 5.92 -24.85
CA ARG A 156 1.87 4.52 -24.84
C ARG A 156 2.90 3.73 -24.02
N VAL A 157 3.07 4.17 -22.77
CA VAL A 157 4.00 3.53 -21.85
C VAL A 157 3.33 2.28 -21.25
N ALA A 158 4.02 1.15 -21.36
CA ALA A 158 3.48 -0.15 -20.95
C ALA A 158 3.13 -0.20 -19.47
N VAL A 159 2.02 -0.89 -19.19
CA VAL A 159 1.58 -1.19 -17.83
C VAL A 159 2.61 -2.11 -17.16
N VAL A 160 2.93 -1.82 -15.90
CA VAL A 160 3.86 -2.66 -15.13
C VAL A 160 3.11 -3.45 -14.06
N ARG A 161 3.21 -4.78 -14.14
CA ARG A 161 2.51 -5.68 -13.23
CA ARG A 161 2.51 -5.68 -13.23
C ARG A 161 3.47 -6.51 -12.39
N LEU A 162 3.18 -6.61 -11.09
CA LEU A 162 3.99 -7.37 -10.17
CA LEU A 162 4.00 -7.34 -10.14
C LEU A 162 3.14 -8.14 -9.17
N PRO A 163 3.34 -9.48 -9.09
CA PRO A 163 2.71 -10.17 -7.96
C PRO A 163 3.46 -9.88 -6.66
N LEU A 164 2.72 -9.52 -5.61
CA LEU A 164 3.33 -9.28 -4.30
C LEU A 164 3.05 -10.45 -3.38
N ALA A 165 4.08 -11.24 -3.11
CA ALA A 165 3.95 -12.46 -2.32
C ALA A 165 3.92 -12.25 -0.81
N HIS A 166 3.45 -13.27 -0.12
CA HIS A 166 3.52 -13.43 1.33
C HIS A 166 4.93 -13.15 1.88
N GLY A 167 5.05 -12.19 2.79
CA GLY A 167 6.32 -11.84 3.42
C GLY A 167 7.24 -10.95 2.60
N SER A 168 6.70 -10.28 1.60
CA SER A 168 7.50 -9.49 0.67
C SER A 168 7.49 -8.00 1.01
N LEU A 169 8.51 -7.30 0.51
CA LEU A 169 8.60 -5.84 0.62
C LEU A 169 8.73 -5.21 -0.78
N LEU A 170 7.84 -4.27 -1.07
CA LEU A 170 7.98 -3.41 -2.24
C LEU A 170 8.33 -1.99 -1.80
N MET A 171 9.53 -1.55 -2.12
CA MET A 171 9.95 -0.17 -1.88
C MET A 171 9.59 0.69 -3.07
N MET A 172 8.77 1.71 -2.83
CA MET A 172 8.41 2.66 -3.88
C MET A 172 9.11 3.99 -3.64
N ASN A 173 10.14 4.24 -4.44
CA ASN A 173 11.02 5.38 -4.29
C ASN A 173 10.63 6.54 -5.20
N HIS A 174 11.01 7.75 -4.82
CA HIS A 174 10.79 8.95 -5.63
C HIS A 174 11.51 8.81 -6.98
N PRO A 175 10.86 9.25 -8.10
CA PRO A 175 9.56 9.89 -8.24
C PRO A 175 8.42 8.97 -8.72
N THR A 176 8.42 7.70 -8.30
CA THR A 176 7.40 6.72 -8.70
C THR A 176 5.97 7.28 -8.60
N ASN A 177 5.66 7.87 -7.45
CA ASN A 177 4.30 8.33 -7.16
C ASN A 177 3.88 9.66 -7.79
N THR A 178 4.80 10.35 -8.46
CA THR A 178 4.39 11.53 -9.22
C THR A 178 3.94 11.15 -10.63
N HIS A 179 4.54 10.09 -11.18
CA HIS A 179 4.31 9.71 -12.58
C HIS A 179 3.36 8.52 -12.77
N TRP A 180 3.29 7.65 -11.77
CA TRP A 180 2.58 6.37 -11.91
C TRP A 180 1.43 6.18 -10.94
N TYR A 181 0.28 5.79 -11.49
CA TYR A 181 -0.85 5.33 -10.69
C TYR A 181 -0.61 3.87 -10.36
N HIS A 182 -1.02 3.44 -9.17
CA HIS A 182 -1.02 2.02 -8.84
C HIS A 182 -2.37 1.58 -8.31
N SER A 183 -2.62 0.28 -8.41
CA SER A 183 -3.89 -0.30 -7.97
C SER A 183 -3.68 -1.78 -7.65
N LEU A 184 -4.68 -2.36 -6.99
CA LEU A 184 -4.73 -3.79 -6.75
C LEU A 184 -6.06 -4.28 -7.33
N PRO A 185 -6.03 -4.76 -8.58
CA PRO A 185 -7.26 -5.15 -9.27
C PRO A 185 -7.90 -6.41 -8.71
N VAL A 186 -9.21 -6.51 -8.90
CA VAL A 186 -9.97 -7.73 -8.59
C VAL A 186 -9.34 -8.98 -9.20
N ARG A 187 -9.20 -10.01 -8.37
CA ARG A 187 -8.70 -11.29 -8.82
C ARG A 187 -9.64 -12.37 -8.31
N LYS A 188 -10.65 -12.70 -9.11
CA LYS A 188 -11.76 -13.58 -8.69
C LYS A 188 -11.35 -14.95 -8.16
N LYS A 189 -10.21 -15.46 -8.64
CA LYS A 189 -9.74 -16.79 -8.25
C LYS A 189 -9.06 -16.80 -6.88
N VAL A 190 -8.65 -15.63 -6.38
CA VAL A 190 -8.04 -15.52 -5.05
C VAL A 190 -9.14 -15.62 -3.98
N LEU A 191 -9.01 -16.62 -3.11
CA LEU A 191 -10.04 -16.89 -2.10
C LEU A 191 -9.61 -16.49 -0.68
N ALA A 192 -8.32 -16.25 -0.51
CA ALA A 192 -7.75 -16.01 0.81
C ALA A 192 -7.47 -14.53 1.07
N PRO A 193 -7.49 -14.13 2.36
CA PRO A 193 -7.20 -12.74 2.74
C PRO A 193 -5.75 -12.30 2.56
N ARG A 194 -5.59 -11.02 2.28
CA ARG A 194 -4.26 -10.41 2.18
C ARG A 194 -4.21 -9.13 3.03
N VAL A 195 -3.13 -8.98 3.78
CA VAL A 195 -2.91 -7.76 4.56
C VAL A 195 -1.68 -7.04 4.04
N ASN A 196 -1.88 -5.79 3.65
CA ASN A 196 -0.79 -4.97 3.16
C ASN A 196 -0.55 -3.78 4.07
N LEU A 197 0.72 -3.58 4.41
CA LEU A 197 1.14 -2.45 5.23
C LEU A 197 1.97 -1.52 4.37
N THR A 198 1.56 -0.26 4.29
CA THR A 198 2.39 0.76 3.64
C THR A 198 2.94 1.76 4.65
N PHE A 199 4.22 1.60 4.97
CA PHE A 199 4.91 2.49 5.90
C PHE A 199 5.32 3.77 5.19
N ARG A 200 5.15 4.88 5.89
CA ARG A 200 5.31 6.21 5.31
C ARG A 200 5.91 7.17 6.32
N LYS A 201 6.47 8.27 5.82
N LYS A 201 6.48 8.26 5.81
CA LYS A 201 6.93 9.37 6.66
CA LYS A 201 6.92 9.37 6.66
C LYS A 201 6.00 10.58 6.46
C LYS A 201 5.96 10.54 6.44
N ILE A 202 5.17 10.83 7.47
CA ILE A 202 4.14 11.88 7.41
C ILE A 202 4.61 13.14 8.15
N LEU A 203 4.32 14.30 7.56
CA LEU A 203 4.57 15.58 8.21
C LEU A 203 3.42 15.96 9.14
N LEU A 204 3.75 16.51 10.30
CA LEU A 204 2.76 16.85 11.34
C LEU A 204 1.66 17.77 10.84
#